data_7S47
#
_entry.id   7S47
#
_cell.length_a   62.321
_cell.length_b   62.321
_cell.length_c   178.609
_cell.angle_alpha   90.000
_cell.angle_beta   90.000
_cell.angle_gamma   90.000
#
_symmetry.space_group_name_H-M   'P 41 21 2'
#
loop_
_entity.id
_entity.type
_entity.pdbx_description
1 polymer 'Integrin beta-5, Isoform 2 of Serine/threonine-protein kinase PAK 4 chimera'
2 polymer 'Integrin beta-5'
3 non-polymer 'PHOSPHOAMINOPHOSPHONIC ACID-ADENYLATE ESTER'
4 water water
#
loop_
_entity_poly.entity_id
_entity_poly.type
_entity_poly.pdbx_seq_one_letter_code
_entity_poly.pdbx_strand_id
1 'polypeptide(L)'
;MGSSHHHHHHSSGLVPRGSHMKLLVTIHDRREFAKFQSERSRARYEMASNPLYSSGSSGSSGSSGARARQENGMPEKPPG
PRSPQREPQRVSHEQFRAALQLVVDPGDPRSYLDNFIKIGEGSTGIVCIATVRSSGKLVAVKKMDLRKQQRRELLFNEVV
IMRDYQHENVVEMYNSYLVGDELWVVMEFLEGGALTDIVTHTRMNEEQIAAVCLAVLQALSVLHAQGVIHRNIKSDSILL
THDGRVKLSDFGFCAQVSKEVPRRKELVGTPYWMAPELISRLPYGPEVDIWSLGIMVIEMVDGEPPYFNEPPLKAMKMIR
DNLPPRLKNLHKVSPSLKGFLDRLLVRDPAQRATAAELLKHPFLAKAGPPASIVPLMRQNRTR
;
A
2 'polypeptide(L)' KLLVTIHDRREFAKFQSERSRARYEMASNPLY B
#
loop_
_chem_comp.id
_chem_comp.type
_chem_comp.name
_chem_comp.formula
ANP non-polymer 'PHOSPHOAMINOPHOSPHONIC ACID-ADENYLATE ESTER' 'C10 H17 N6 O12 P3'
#
# COMPACT_ATOMS: atom_id res chain seq x y z
N SER A 92 11.09 -28.41 -2.04
CA SER A 92 10.27 -27.47 -2.81
C SER A 92 10.93 -26.06 -2.92
N HIS A 93 11.84 -25.71 -2.03
CA HIS A 93 12.47 -24.39 -2.11
C HIS A 93 13.37 -24.29 -3.38
N GLU A 94 14.22 -25.29 -3.62
CA GLU A 94 15.11 -25.30 -4.81
C GLU A 94 14.27 -25.34 -6.10
N GLN A 95 13.11 -25.98 -5.99
CA GLN A 95 12.16 -25.99 -7.08
C GLN A 95 11.67 -24.60 -7.35
N PHE A 96 11.23 -23.93 -6.30
CA PHE A 96 10.73 -22.54 -6.43
C PHE A 96 11.77 -21.51 -6.89
N ARG A 97 13.01 -21.61 -6.42
CA ARG A 97 14.08 -20.73 -6.95
C ARG A 97 14.17 -20.87 -8.47
N ALA A 98 14.26 -22.10 -8.93
CA ALA A 98 14.42 -22.37 -10.36
C ALA A 98 13.31 -21.70 -11.20
N ALA A 99 12.09 -21.71 -10.69
CA ALA A 99 10.98 -21.03 -11.39
C ALA A 99 11.10 -19.51 -11.53
N LEU A 100 11.41 -18.88 -10.40
CA LEU A 100 11.74 -17.45 -10.37
C LEU A 100 12.87 -17.09 -11.30
N GLN A 101 13.84 -17.98 -11.43
CA GLN A 101 14.95 -17.74 -12.30
C GLN A 101 14.49 -17.51 -13.74
N LEU A 102 13.41 -18.18 -14.15
CA LEU A 102 12.92 -18.03 -15.54
C LEU A 102 12.25 -16.68 -15.76
N VAL A 103 11.85 -16.01 -14.69
CA VAL A 103 11.08 -14.76 -14.85
C VAL A 103 11.82 -13.47 -14.49
N VAL A 104 12.99 -13.55 -13.85
CA VAL A 104 13.69 -12.36 -13.35
C VAL A 104 14.68 -11.98 -14.40
N ASP A 105 15.26 -10.80 -14.27
CA ASP A 105 16.39 -10.38 -15.12
C ASP A 105 17.66 -11.16 -14.75
N PRO A 106 18.49 -11.50 -15.75
CA PRO A 106 19.74 -12.19 -15.42
C PRO A 106 20.71 -11.27 -14.70
N GLY A 107 21.58 -11.87 -13.88
CA GLY A 107 22.69 -11.16 -13.28
C GLY A 107 22.51 -10.83 -11.83
N ASP A 108 23.37 -9.94 -11.35
CA ASP A 108 23.43 -9.62 -9.97
C ASP A 108 23.63 -8.12 -9.90
N PRO A 109 22.71 -7.41 -9.27
CA PRO A 109 22.85 -5.96 -9.26
C PRO A 109 23.94 -5.45 -8.32
N ARG A 110 24.58 -6.33 -7.54
CA ARG A 110 25.75 -5.94 -6.75
C ARG A 110 26.88 -5.51 -7.64
N SER A 111 26.90 -5.93 -8.90
CA SER A 111 27.89 -5.47 -9.82
C SER A 111 27.74 -3.99 -10.22
N TYR A 112 26.61 -3.33 -9.97
CA TYR A 112 26.46 -1.89 -10.30
C TYR A 112 25.96 -0.99 -9.17
N LEU A 113 25.68 -1.57 -7.99
CA LEU A 113 25.23 -0.84 -6.82
C LEU A 113 26.23 -0.91 -5.65
N ASP A 114 26.37 0.21 -4.94
CA ASP A 114 27.25 0.35 -3.78
C ASP A 114 26.43 0.74 -2.58
N ASN A 115 27.05 0.60 -1.40
CA ASN A 115 26.56 1.19 -0.17
C ASN A 115 25.09 0.93 0.14
N PHE A 116 24.77 -0.34 0.18
CA PHE A 116 23.44 -0.78 0.61
C PHE A 116 23.20 -0.37 2.08
N ILE A 117 22.12 0.33 2.36
CA ILE A 117 21.75 0.73 3.73
C ILE A 117 20.26 0.40 3.96
N LYS A 118 19.98 -0.40 4.99
CA LYS A 118 18.62 -0.82 5.24
C LYS A 118 17.86 0.39 5.74
N ILE A 119 16.72 0.66 5.13
CA ILE A 119 15.86 1.76 5.54
C ILE A 119 14.51 1.32 6.06
N GLY A 120 14.14 0.06 5.90
CA GLY A 120 12.88 -0.39 6.48
C GLY A 120 12.57 -1.82 6.20
N GLU A 121 11.42 -2.25 6.69
CA GLU A 121 10.99 -3.60 6.43
C GLU A 121 9.49 -3.81 6.41
N GLY A 122 9.12 -5.00 5.96
CA GLY A 122 7.75 -5.51 6.02
C GLY A 122 7.80 -6.97 6.45
N SER A 123 6.69 -7.65 6.27
CA SER A 123 6.66 -9.11 6.47
C SER A 123 7.39 -9.87 5.32
N THR A 124 7.38 -9.34 4.07
CA THR A 124 7.98 -10.08 2.92
C THR A 124 9.50 -9.91 2.81
N GLY A 125 10.04 -8.83 3.37
CA GLY A 125 11.46 -8.66 3.58
C GLY A 125 11.84 -7.22 3.77
N ILE A 126 13.07 -6.86 3.42
CA ILE A 126 13.61 -5.54 3.75
C ILE A 126 13.79 -4.64 2.53
N VAL A 127 13.98 -3.36 2.84
CA VAL A 127 14.17 -2.35 1.81
C VAL A 127 15.43 -1.57 2.21
N CYS A 128 16.31 -1.46 1.22
CA CYS A 128 17.55 -0.75 1.29
C CYS A 128 17.58 0.36 0.26
N ILE A 129 18.37 1.38 0.56
CA ILE A 129 18.86 2.33 -0.43
CA ILE A 129 18.81 2.26 -0.50
C ILE A 129 20.22 1.81 -0.94
N ALA A 130 20.51 2.08 -2.19
CA ALA A 130 21.76 1.78 -2.79
C ALA A 130 22.10 2.88 -3.78
N THR A 131 23.37 3.01 -4.07
CA THR A 131 23.90 4.02 -4.99
C THR A 131 24.30 3.30 -6.27
N VAL A 132 23.92 3.86 -7.41
CA VAL A 132 24.34 3.33 -8.68
C VAL A 132 25.82 3.82 -8.88
N ARG A 133 26.75 2.89 -8.96
CA ARG A 133 28.18 3.25 -8.95
C ARG A 133 28.58 4.25 -10.03
N SER A 134 28.11 4.05 -11.25
CA SER A 134 28.58 4.88 -12.38
C SER A 134 28.04 6.28 -12.39
N SER A 135 26.92 6.51 -11.72
CA SER A 135 26.26 7.78 -11.75
C SER A 135 26.08 8.46 -10.42
N GLY A 136 26.09 7.74 -9.29
CA GLY A 136 25.72 8.38 -8.00
C GLY A 136 24.23 8.53 -7.73
N LYS A 137 23.42 7.96 -8.59
CA LYS A 137 21.97 8.00 -8.45
C LYS A 137 21.56 7.02 -7.35
N LEU A 138 20.59 7.42 -6.56
CA LEU A 138 20.04 6.53 -5.54
C LEU A 138 18.84 5.72 -6.05
N VAL A 139 18.77 4.47 -5.66
CA VAL A 139 17.65 3.62 -5.95
C VAL A 139 17.29 2.88 -4.70
N ALA A 140 16.15 2.22 -4.71
CA ALA A 140 15.70 1.40 -3.61
C ALA A 140 15.71 -0.06 -4.06
N VAL A 141 15.99 -0.95 -3.12
CA VAL A 141 16.12 -2.36 -3.40
C VAL A 141 15.34 -3.17 -2.37
N LYS A 142 14.32 -3.87 -2.80
CA LYS A 142 13.55 -4.76 -1.92
C LYS A 142 14.15 -6.17 -2.01
N LYS A 143 14.53 -6.72 -0.88
CA LYS A 143 15.05 -8.07 -0.77
C LYS A 143 14.12 -9.01 0.04
N MET A 144 13.74 -10.14 -0.56
CA MET A 144 12.71 -11.05 -0.05
C MET A 144 13.29 -12.43 -0.05
N ASP A 145 13.45 -13.01 1.14
CA ASP A 145 13.95 -14.36 1.24
C ASP A 145 12.86 -15.35 0.86
N LEU A 146 13.20 -16.21 -0.08
CA LEU A 146 12.24 -17.19 -0.60
C LEU A 146 11.77 -18.17 0.44
N ARG A 147 12.65 -18.51 1.37
CA ARG A 147 12.32 -19.41 2.48
C ARG A 147 11.38 -18.85 3.53
N LYS A 148 11.23 -17.53 3.61
CA LYS A 148 10.53 -16.91 4.71
C LYS A 148 9.18 -16.31 4.35
N GLN A 149 8.50 -16.82 3.34
CA GLN A 149 7.22 -16.25 2.94
C GLN A 149 6.06 -17.06 3.52
N GLN A 150 5.04 -16.34 3.99
CA GLN A 150 3.72 -16.93 4.28
C GLN A 150 3.27 -17.73 3.03
N ARG A 151 3.13 -17.04 1.90
CA ARG A 151 2.64 -17.60 0.65
C ARG A 151 3.66 -17.28 -0.43
N ARG A 152 4.49 -18.25 -0.75
CA ARG A 152 5.59 -18.06 -1.70
C ARG A 152 5.13 -17.54 -3.07
N GLU A 153 3.96 -18.02 -3.50
CA GLU A 153 3.42 -17.70 -4.81
C GLU A 153 3.02 -16.25 -5.03
N LEU A 154 2.82 -15.48 -3.96
CA LEU A 154 2.61 -14.05 -4.09
C LEU A 154 3.82 -13.30 -4.65
N LEU A 155 5.04 -13.86 -4.55
CA LEU A 155 6.22 -13.16 -5.01
C LEU A 155 6.21 -12.92 -6.53
N PHE A 156 5.42 -13.69 -7.27
CA PHE A 156 5.19 -13.41 -8.67
C PHE A 156 4.42 -12.10 -8.87
N ASN A 157 3.62 -11.68 -7.88
CA ASN A 157 2.89 -10.40 -7.98
C ASN A 157 3.80 -9.28 -8.35
N GLU A 158 4.95 -9.23 -7.71
CA GLU A 158 5.92 -8.20 -7.99
C GLU A 158 6.29 -8.17 -9.50
N VAL A 159 6.49 -9.34 -10.11
CA VAL A 159 6.81 -9.47 -11.54
C VAL A 159 5.59 -9.15 -12.46
N VAL A 160 4.41 -9.65 -12.13
CA VAL A 160 3.18 -9.28 -12.85
C VAL A 160 2.89 -7.76 -12.86
N ILE A 161 2.98 -7.10 -11.72
CA ILE A 161 2.69 -5.69 -11.71
C ILE A 161 3.76 -4.94 -12.46
N MET A 162 5.01 -5.34 -12.32
CA MET A 162 6.14 -4.65 -12.97
C MET A 162 6.09 -4.78 -14.48
N ARG A 163 5.61 -5.94 -14.93
CA ARG A 163 5.53 -6.20 -16.37
C ARG A 163 4.36 -5.46 -17.06
N ASP A 164 3.25 -5.27 -16.34
CA ASP A 164 1.96 -4.98 -16.98
C ASP A 164 1.17 -3.77 -16.46
N TYR A 165 1.43 -3.26 -15.26
CA TYR A 165 0.49 -2.33 -14.58
C TYR A 165 1.10 -1.05 -14.00
N GLN A 166 1.96 -0.41 -14.80
CA GLN A 166 2.65 0.85 -14.45
C GLN A 166 1.81 2.17 -14.68
N HIS A 167 2.04 3.20 -13.82
CA HIS A 167 1.25 4.48 -13.68
C HIS A 167 2.06 5.49 -12.86
N GLU A 168 1.66 6.75 -12.86
CA GLU A 168 2.45 7.84 -12.24
C GLU A 168 2.26 8.14 -10.71
N ASN A 169 1.13 7.74 -10.16
CA ASN A 169 0.97 7.57 -8.72
C ASN A 169 1.30 6.15 -8.22
N VAL A 170 2.08 5.38 -8.99
CA VAL A 170 2.55 4.02 -8.60
C VAL A 170 4.08 3.99 -8.64
N VAL A 171 4.72 3.45 -7.63
CA VAL A 171 6.16 3.42 -7.59
C VAL A 171 6.66 2.58 -8.79
N GLU A 172 7.69 3.05 -9.45
CA GLU A 172 8.24 2.35 -10.60
C GLU A 172 9.18 1.23 -10.18
N MET A 173 8.98 0.05 -10.76
CA MET A 173 9.84 -1.11 -10.52
C MET A 173 10.73 -1.28 -11.74
N TYR A 174 12.04 -1.40 -11.54
CA TYR A 174 12.97 -1.33 -12.66
C TYR A 174 13.43 -2.68 -13.12
N ASN A 175 13.86 -3.53 -12.20
CA ASN A 175 14.45 -4.82 -12.57
C ASN A 175 14.25 -5.74 -11.40
N SER A 176 14.26 -7.05 -11.68
CA SER A 176 14.23 -8.05 -10.63
C SER A 176 15.34 -9.05 -10.86
N TYR A 177 15.90 -9.58 -9.76
CA TYR A 177 16.96 -10.54 -9.81
C TYR A 177 16.79 -11.59 -8.75
N LEU A 178 17.39 -12.75 -9.00
CA LEU A 178 17.48 -13.79 -8.03
C LEU A 178 18.90 -13.78 -7.52
N VAL A 179 19.09 -13.47 -6.26
CA VAL A 179 20.43 -13.38 -5.67
C VAL A 179 20.49 -14.36 -4.51
N GLY A 180 21.11 -15.50 -4.74
CA GLY A 180 21.07 -16.63 -3.79
C GLY A 180 19.65 -17.12 -3.54
N ASP A 181 19.20 -17.03 -2.29
CA ASP A 181 17.84 -17.35 -1.92
C ASP A 181 16.92 -16.19 -1.84
N GLU A 182 17.33 -15.03 -2.34
CA GLU A 182 16.51 -13.83 -2.28
C GLU A 182 16.12 -13.35 -3.63
N LEU A 183 14.87 -12.94 -3.73
CA LEU A 183 14.40 -12.14 -4.82
C LEU A 183 14.72 -10.66 -4.50
N TRP A 184 15.45 -10.00 -5.39
CA TRP A 184 15.73 -8.55 -5.26
C TRP A 184 14.98 -7.80 -6.33
N VAL A 185 14.30 -6.76 -5.90
CA VAL A 185 13.62 -5.88 -6.83
C VAL A 185 14.24 -4.48 -6.65
N VAL A 186 14.71 -3.94 -7.76
CA VAL A 186 15.32 -2.62 -7.83
C VAL A 186 14.23 -1.69 -8.35
N MET A 187 13.98 -0.66 -7.58
CA MET A 187 12.86 0.24 -7.81
C MET A 187 13.19 1.68 -7.48
N GLU A 188 12.27 2.54 -7.88
CA GLU A 188 12.30 3.93 -7.62
C GLU A 188 12.52 4.24 -6.12
N PHE A 189 13.39 5.16 -5.83
CA PHE A 189 13.63 5.58 -4.43
C PHE A 189 12.71 6.77 -4.11
N LEU A 190 11.85 6.61 -3.14
CA LEU A 190 10.89 7.65 -2.64
C LEU A 190 11.47 8.27 -1.37
N GLU A 191 12.24 9.31 -1.57
CA GLU A 191 13.19 9.73 -0.50
C GLU A 191 12.51 10.42 0.72
N GLY A 192 11.32 10.97 0.43
CA GLY A 192 10.44 11.48 1.46
C GLY A 192 9.80 10.46 2.37
N GLY A 193 9.92 9.18 2.05
CA GLY A 193 9.56 8.14 2.98
C GLY A 193 8.09 7.78 2.94
N ALA A 194 7.62 7.16 4.00
CA ALA A 194 6.27 6.63 4.04
C ALA A 194 5.30 7.56 4.83
N LEU A 195 4.03 7.55 4.40
CA LEU A 195 2.98 8.28 5.09
C LEU A 195 2.90 7.90 6.55
N THR A 196 3.31 6.69 6.91
CA THR A 196 3.33 6.28 8.29
C THR A 196 4.09 7.19 9.22
N ASP A 197 5.25 7.63 8.79
CA ASP A 197 6.07 8.48 9.63
C ASP A 197 5.34 9.84 9.90
N ILE A 198 4.57 10.29 8.92
CA ILE A 198 3.79 11.50 9.06
C ILE A 198 2.61 11.33 10.03
N VAL A 199 1.78 10.30 9.82
CA VAL A 199 0.54 10.18 10.63
C VAL A 199 0.87 9.85 12.08
N THR A 200 2.03 9.27 12.36
CA THR A 200 2.40 9.01 13.76
C THR A 200 3.11 10.21 14.47
N HIS A 201 3.50 11.24 13.76
CA HIS A 201 4.25 12.34 14.36
C HIS A 201 3.65 13.72 14.20
N THR A 202 2.70 13.92 13.31
CA THR A 202 2.05 15.25 13.17
C THR A 202 0.61 15.05 12.79
N ARG A 203 -0.10 16.16 12.71
CA ARG A 203 -1.50 16.18 12.30
C ARG A 203 -1.63 16.70 10.89
N MET A 204 -2.17 15.94 9.99
CA MET A 204 -2.46 16.44 8.67
C MET A 204 -3.71 17.34 8.72
N ASN A 205 -3.78 18.35 7.90
CA ASN A 205 -5.00 19.11 7.78
C ASN A 205 -5.78 18.55 6.63
N GLU A 206 -6.99 19.06 6.41
CA GLU A 206 -7.85 18.42 5.43
C GLU A 206 -7.44 18.64 3.96
N GLU A 207 -6.74 19.75 3.69
CA GLU A 207 -6.15 19.95 2.37
C GLU A 207 -5.13 18.82 2.02
N GLN A 208 -4.33 18.47 3.01
CA GLN A 208 -3.36 17.43 2.91
C GLN A 208 -4.02 16.06 2.83
N ILE A 209 -4.97 15.77 3.71
CA ILE A 209 -5.66 14.51 3.65
C ILE A 209 -6.30 14.33 2.29
N ALA A 210 -6.99 15.35 1.79
CA ALA A 210 -7.67 15.27 0.48
C ALA A 210 -6.68 15.07 -0.69
N ALA A 211 -5.48 15.66 -0.60
CA ALA A 211 -4.46 15.44 -1.64
C ALA A 211 -3.97 13.98 -1.64
N VAL A 212 -3.71 13.40 -0.46
CA VAL A 212 -3.37 11.99 -0.38
C VAL A 212 -4.48 11.11 -0.94
N CYS A 213 -5.71 11.33 -0.53
CA CYS A 213 -6.82 10.53 -1.02
C CYS A 213 -7.04 10.62 -2.54
N LEU A 214 -6.87 11.83 -3.09
CA LEU A 214 -6.95 12.02 -4.51
C LEU A 214 -5.90 11.23 -5.25
N ALA A 215 -4.67 11.32 -4.83
CA ALA A 215 -3.59 10.59 -5.47
C ALA A 215 -3.80 9.07 -5.40
N VAL A 216 -4.21 8.59 -4.23
CA VAL A 216 -4.48 7.16 -4.01
C VAL A 216 -5.62 6.71 -4.87
N LEU A 217 -6.69 7.49 -4.91
CA LEU A 217 -7.83 7.14 -5.69
C LEU A 217 -7.61 7.15 -7.22
N GLN A 218 -6.72 8.02 -7.68
CA GLN A 218 -6.36 8.04 -9.08
C GLN A 218 -5.69 6.73 -9.45
N ALA A 219 -4.67 6.31 -8.65
CA ALA A 219 -4.02 5.04 -8.81
C ALA A 219 -5.00 3.86 -8.80
N LEU A 220 -5.92 3.85 -7.83
CA LEU A 220 -6.86 2.75 -7.69
C LEU A 220 -7.90 2.67 -8.81
N SER A 221 -8.36 3.81 -9.33
CA SER A 221 -9.36 3.75 -10.41
C SER A 221 -8.80 3.02 -11.65
N VAL A 222 -7.52 3.24 -11.93
CA VAL A 222 -6.82 2.69 -13.05
C VAL A 222 -6.51 1.21 -12.74
N LEU A 223 -5.95 0.95 -11.57
CA LEU A 223 -5.72 -0.45 -11.14
C LEU A 223 -6.98 -1.32 -11.15
N HIS A 224 -8.02 -0.83 -10.49
CA HIS A 224 -9.29 -1.54 -10.45
C HIS A 224 -9.91 -1.74 -11.82
N ALA A 225 -9.72 -0.76 -12.72
CA ALA A 225 -10.23 -0.88 -14.12
C ALA A 225 -9.60 -2.04 -14.89
N GLN A 226 -8.39 -2.41 -14.49
CA GLN A 226 -7.65 -3.49 -15.09
C GLN A 226 -7.65 -4.79 -14.27
N GLY A 227 -8.56 -4.87 -13.31
CA GLY A 227 -8.75 -6.03 -12.47
C GLY A 227 -7.75 -6.26 -11.37
N VAL A 228 -6.98 -5.26 -10.95
CA VAL A 228 -5.95 -5.47 -9.92
C VAL A 228 -6.48 -4.92 -8.60
N ILE A 229 -6.50 -5.77 -7.57
CA ILE A 229 -6.82 -5.39 -6.21
C ILE A 229 -5.49 -5.34 -5.44
N HIS A 230 -5.16 -4.22 -4.82
CA HIS A 230 -3.90 -4.08 -4.06
C HIS A 230 -3.83 -4.97 -2.82
N ARG A 231 -4.89 -4.92 -2.03
CA ARG A 231 -5.11 -5.71 -0.82
C ARG A 231 -4.25 -5.39 0.39
N ASN A 232 -3.47 -4.33 0.32
CA ASN A 232 -2.65 -3.91 1.44
C ASN A 232 -2.55 -2.39 1.56
N ILE A 233 -3.66 -1.69 1.30
CA ILE A 233 -3.71 -0.26 1.42
C ILE A 233 -3.65 0.07 2.91
N LYS A 234 -2.64 0.87 3.26
CA LYS A 234 -2.45 1.45 4.54
C LYS A 234 -1.37 2.52 4.42
N SER A 235 -1.15 3.29 5.47
CA SER A 235 -0.17 4.40 5.38
C SER A 235 1.26 3.92 4.99
N ASP A 236 1.62 2.71 5.41
CA ASP A 236 2.96 2.15 5.13
C ASP A 236 3.18 1.88 3.64
N SER A 237 2.09 1.70 2.88
CA SER A 237 2.17 1.47 1.46
C SER A 237 2.14 2.71 0.59
N ILE A 238 2.06 3.89 1.22
CA ILE A 238 1.96 5.12 0.49
C ILE A 238 3.27 5.87 0.74
N LEU A 239 3.96 6.17 -0.35
CA LEU A 239 5.25 6.75 -0.25
C LEU A 239 5.24 8.15 -0.84
N LEU A 240 6.21 8.97 -0.42
CA LEU A 240 6.35 10.33 -0.86
C LEU A 240 7.75 10.63 -1.48
N THR A 241 7.73 11.50 -2.45
CA THR A 241 8.96 12.21 -2.89
C THR A 241 9.36 13.39 -1.98
N HIS A 242 10.55 13.95 -2.23
CA HIS A 242 11.02 15.11 -1.47
C HIS A 242 10.12 16.33 -1.73
N ASP A 243 9.48 16.40 -2.91
CA ASP A 243 8.58 17.50 -3.25
C ASP A 243 7.06 17.24 -3.01
N GLY A 244 6.75 16.18 -2.23
CA GLY A 244 5.40 15.90 -1.78
C GLY A 244 4.47 15.18 -2.73
N ARG A 245 5.00 14.57 -3.77
CA ARG A 245 4.20 13.72 -4.68
C ARG A 245 3.94 12.33 -4.00
N VAL A 246 2.77 11.73 -4.27
CA VAL A 246 2.22 10.58 -3.49
C VAL A 246 2.12 9.38 -4.41
N LYS A 247 2.77 8.29 -4.03
CA LYS A 247 2.70 7.10 -4.83
C LYS A 247 2.36 5.84 -4.02
N LEU A 248 1.67 4.97 -4.70
CA LEU A 248 1.28 3.70 -4.19
C LEU A 248 2.35 2.67 -4.39
N SER A 249 2.67 2.00 -3.30
CA SER A 249 3.69 0.99 -3.28
C SER A 249 3.26 -0.36 -2.71
N ASP A 250 4.21 -1.32 -2.67
CA ASP A 250 4.05 -2.65 -2.06
C ASP A 250 2.87 -3.45 -2.57
N PHE A 251 3.04 -3.93 -3.77
CA PHE A 251 2.11 -4.77 -4.45
C PHE A 251 2.33 -6.25 -4.19
N GLY A 252 3.10 -6.60 -3.17
CA GLY A 252 3.33 -8.01 -2.90
C GLY A 252 2.10 -8.89 -2.59
N PHE A 253 0.98 -8.27 -2.21
CA PHE A 253 -0.22 -8.99 -1.80
C PHE A 253 -1.33 -8.80 -2.80
N CYS A 254 -1.06 -8.18 -3.94
CA CYS A 254 -2.17 -7.94 -4.86
C CYS A 254 -2.68 -9.22 -5.53
N ALA A 255 -3.80 -9.12 -6.22
CA ALA A 255 -4.39 -10.22 -6.97
C ALA A 255 -5.14 -9.65 -8.17
N GLN A 256 -5.41 -10.48 -9.15
CA GLN A 256 -6.21 -10.09 -10.28
C GLN A 256 -7.57 -10.73 -10.34
N VAL A 257 -8.54 -10.00 -10.86
CA VAL A 257 -9.89 -10.49 -11.15
C VAL A 257 -10.24 -10.25 -12.63
N SER A 258 -11.28 -10.91 -13.13
CA SER A 258 -11.57 -10.90 -14.55
C SER A 258 -12.94 -11.46 -14.72
N LYS A 259 -13.41 -11.44 -15.95
CA LYS A 259 -14.66 -12.10 -16.27
C LYS A 259 -14.60 -13.56 -15.80
N GLU A 260 -13.47 -14.20 -16.00
CA GLU A 260 -13.33 -15.60 -15.64
C GLU A 260 -13.18 -15.82 -14.13
N VAL A 261 -12.57 -14.87 -13.42
CA VAL A 261 -12.35 -15.00 -11.97
C VAL A 261 -12.80 -13.68 -11.35
N PRO A 262 -14.12 -13.51 -11.14
CA PRO A 262 -14.60 -12.18 -10.75
C PRO A 262 -14.36 -11.76 -9.28
N ARG A 263 -14.27 -12.71 -8.36
CA ARG A 263 -14.00 -12.43 -6.95
C ARG A 263 -12.80 -13.27 -6.48
N ARG A 264 -12.07 -12.80 -5.49
CA ARG A 264 -11.01 -13.55 -4.81
C ARG A 264 -11.53 -14.02 -3.46
N LYS A 265 -10.85 -15.03 -2.91
CA LYS A 265 -11.24 -15.64 -1.64
C LYS A 265 -10.17 -15.62 -0.56
N GLU A 266 -8.94 -15.21 -0.87
CA GLU A 266 -7.86 -15.41 0.10
C GLU A 266 -7.88 -14.40 1.25
N LEU A 267 -7.39 -14.84 2.41
CA LEU A 267 -7.31 -13.99 3.59
C LEU A 267 -5.97 -13.31 3.54
N VAL A 268 -5.95 -12.10 3.00
CA VAL A 268 -4.71 -11.42 2.77
C VAL A 268 -4.88 -9.95 3.15
N GLY A 269 -3.88 -9.37 3.80
CA GLY A 269 -3.88 -7.93 4.19
C GLY A 269 -3.29 -7.74 5.56
N THR A 270 -3.52 -6.59 6.17
CA THR A 270 -3.05 -6.27 7.50
C THR A 270 -4.27 -6.13 8.34
N PRO A 271 -4.34 -6.91 9.43
CA PRO A 271 -5.55 -7.07 10.24
C PRO A 271 -6.43 -5.84 10.43
N TYR A 272 -5.88 -4.75 10.95
CA TYR A 272 -6.64 -3.56 11.30
C TYR A 272 -7.25 -2.85 10.07
N TRP A 273 -6.71 -3.10 8.89
CA TRP A 273 -7.15 -2.48 7.67
C TRP A 273 -7.99 -3.34 6.80
N MET A 274 -8.20 -4.61 7.16
CA MET A 274 -8.98 -5.50 6.30
C MET A 274 -10.48 -5.19 6.28
N ALA A 275 -11.07 -5.35 5.10
CA ALA A 275 -12.49 -5.15 4.93
C ALA A 275 -13.27 -6.29 5.60
N PRO A 276 -14.45 -5.98 6.13
CA PRO A 276 -15.23 -6.98 6.88
C PRO A 276 -15.60 -8.18 6.04
N GLU A 277 -16.02 -7.96 4.78
CA GLU A 277 -16.30 -9.10 3.87
C GLU A 277 -15.10 -10.02 3.66
N LEU A 278 -13.90 -9.45 3.56
CA LEU A 278 -12.68 -10.23 3.46
C LEU A 278 -12.41 -11.00 4.76
N ILE A 279 -12.59 -10.37 5.90
CA ILE A 279 -12.47 -11.08 7.20
C ILE A 279 -13.54 -12.17 7.32
N SER A 280 -14.75 -11.93 6.81
CA SER A 280 -15.82 -12.93 6.83
C SER A 280 -15.66 -14.09 5.85
N ARG A 281 -14.64 -14.02 4.99
CA ARG A 281 -14.37 -14.98 3.93
C ARG A 281 -15.51 -15.05 2.89
N LEU A 282 -16.16 -13.92 2.63
CA LEU A 282 -17.00 -13.79 1.46
C LEU A 282 -16.14 -13.53 0.23
N PRO A 283 -16.48 -14.09 -0.93
CA PRO A 283 -15.74 -13.69 -2.13
C PRO A 283 -15.83 -12.17 -2.31
N TYR A 284 -14.73 -11.52 -2.67
CA TYR A 284 -14.61 -10.07 -2.64
C TYR A 284 -13.89 -9.59 -3.85
N GLY A 285 -14.00 -8.28 -4.08
CA GLY A 285 -13.36 -7.65 -5.22
C GLY A 285 -12.61 -6.40 -4.85
N PRO A 286 -12.43 -5.49 -5.82
CA PRO A 286 -11.72 -4.22 -5.64
C PRO A 286 -12.25 -3.38 -4.48
N GLU A 287 -13.51 -3.58 -4.13
CA GLU A 287 -14.13 -2.86 -3.03
C GLU A 287 -13.35 -2.93 -1.72
N VAL A 288 -12.55 -3.96 -1.51
CA VAL A 288 -11.77 -4.11 -0.27
C VAL A 288 -10.73 -3.02 -0.14
N ASP A 289 -10.17 -2.57 -1.25
CA ASP A 289 -9.23 -1.46 -1.22
C ASP A 289 -9.88 -0.13 -0.77
N ILE A 290 -11.15 0.08 -1.14
CA ILE A 290 -11.87 1.28 -0.75
C ILE A 290 -12.12 1.27 0.76
N TRP A 291 -12.48 0.12 1.34
CA TRP A 291 -12.59 0.03 2.80
C TRP A 291 -11.26 0.34 3.47
N SER A 292 -10.20 -0.29 2.99
CA SER A 292 -8.84 -0.11 3.58
C SER A 292 -8.40 1.38 3.48
N LEU A 293 -8.78 2.03 2.38
CA LEU A 293 -8.55 3.45 2.24
C LEU A 293 -9.27 4.28 3.33
N GLY A 294 -10.50 3.93 3.64
CA GLY A 294 -11.20 4.56 4.74
C GLY A 294 -10.48 4.41 6.08
N ILE A 295 -9.88 3.24 6.31
CA ILE A 295 -9.12 3.03 7.53
C ILE A 295 -7.89 3.91 7.52
N MET A 296 -7.29 4.10 6.35
CA MET A 296 -6.17 5.02 6.22
C MET A 296 -6.59 6.48 6.46
N VAL A 297 -7.80 6.87 6.08
CA VAL A 297 -8.30 8.19 6.45
C VAL A 297 -8.38 8.30 7.96
N ILE A 298 -8.82 7.25 8.65
CA ILE A 298 -8.82 7.28 10.12
C ILE A 298 -7.40 7.42 10.63
N GLU A 299 -6.44 6.74 10.02
CA GLU A 299 -5.02 6.96 10.40
C GLU A 299 -4.68 8.43 10.29
N MET A 300 -5.05 9.06 9.21
CA MET A 300 -4.62 10.44 8.97
C MET A 300 -5.30 11.42 9.95
N VAL A 301 -6.50 11.09 10.41
CA VAL A 301 -7.17 11.92 11.35
C VAL A 301 -6.77 11.60 12.81
N ASP A 302 -6.72 10.32 13.16
CA ASP A 302 -6.55 9.88 14.53
C ASP A 302 -5.11 9.48 14.85
N GLY A 303 -4.24 9.23 13.86
CA GLY A 303 -2.89 8.68 14.18
C GLY A 303 -2.74 7.17 14.14
N GLU A 304 -3.85 6.44 14.22
CA GLU A 304 -3.84 5.00 14.27
C GLU A 304 -5.19 4.46 13.76
N PRO A 305 -5.20 3.19 13.28
CA PRO A 305 -6.42 2.62 12.79
C PRO A 305 -7.27 2.25 13.99
N PRO A 306 -8.55 1.94 13.81
CA PRO A 306 -9.36 1.51 14.96
C PRO A 306 -8.90 0.18 15.56
N TYR A 307 -9.19 0.01 16.84
CA TYR A 307 -8.90 -1.21 17.59
C TYR A 307 -7.45 -1.53 17.62
N PHE A 308 -6.59 -0.52 17.49
CA PHE A 308 -5.18 -0.76 17.31
C PHE A 308 -4.55 -1.26 18.58
N ASN A 309 -5.20 -0.95 19.70
CA ASN A 309 -4.80 -1.40 21.03
C ASN A 309 -5.20 -2.84 21.36
N GLU A 310 -5.77 -3.57 20.41
CA GLU A 310 -6.17 -4.93 20.60
C GLU A 310 -5.24 -5.83 19.84
N PRO A 311 -5.16 -7.12 20.27
CA PRO A 311 -4.45 -8.11 19.45
C PRO A 311 -5.09 -8.22 18.08
N PRO A 312 -4.28 -8.48 17.05
CA PRO A 312 -4.83 -8.43 15.70
C PRO A 312 -6.08 -9.32 15.51
N LEU A 313 -6.04 -10.55 16.02
CA LEU A 313 -7.19 -11.51 15.93
C LEU A 313 -8.51 -10.98 16.50
N LYS A 314 -8.40 -10.34 17.64
CA LYS A 314 -9.54 -9.73 18.29
C LYS A 314 -10.07 -8.54 17.49
N ALA A 315 -9.15 -7.69 16.99
CA ALA A 315 -9.56 -6.56 16.15
C ALA A 315 -10.35 -7.01 14.93
N MET A 316 -9.86 -8.07 14.26
CA MET A 316 -10.58 -8.67 13.14
C MET A 316 -12.00 -9.06 13.49
N LYS A 317 -12.22 -9.67 14.66
CA LYS A 317 -13.59 -10.03 15.06
C LYS A 317 -14.48 -8.81 15.19
N MET A 318 -13.90 -7.75 15.76
CA MET A 318 -14.65 -6.54 15.99
C MET A 318 -15.00 -5.88 14.69
N ILE A 319 -14.07 -5.93 13.72
CA ILE A 319 -14.35 -5.35 12.43
C ILE A 319 -15.43 -6.18 11.74
N ARG A 320 -15.27 -7.49 11.81
CA ARG A 320 -16.24 -8.40 11.23
C ARG A 320 -17.64 -8.20 11.80
N ASP A 321 -17.76 -8.08 13.12
CA ASP A 321 -19.10 -8.05 13.75
C ASP A 321 -19.73 -6.70 14.04
N ASN A 322 -18.94 -5.64 14.17
CA ASN A 322 -19.52 -4.37 14.65
C ASN A 322 -19.94 -3.47 13.52
N LEU A 323 -20.70 -2.45 13.88
CA LEU A 323 -20.97 -1.31 13.00
C LEU A 323 -19.62 -0.70 12.53
N PRO A 324 -19.62 0.07 11.42
CA PRO A 324 -18.33 0.62 10.94
C PRO A 324 -17.67 1.47 12.04
N PRO A 325 -16.33 1.42 12.13
CA PRO A 325 -15.67 2.14 13.22
C PRO A 325 -15.78 3.65 13.06
N ARG A 326 -15.73 4.36 14.17
CA ARG A 326 -15.83 5.81 14.23
C ARG A 326 -14.46 6.43 14.42
N LEU A 327 -14.30 7.64 13.92
CA LEU A 327 -13.14 8.44 14.28
C LEU A 327 -13.17 8.81 15.76
N LYS A 328 -12.06 8.65 16.48
CA LYS A 328 -11.89 9.21 17.83
C LYS A 328 -12.02 10.73 17.82
N ASN A 329 -11.51 11.36 16.76
CA ASN A 329 -11.51 12.82 16.60
C ASN A 329 -12.62 13.31 15.68
N LEU A 330 -13.75 12.62 15.73
CA LEU A 330 -14.86 12.92 14.87
C LEU A 330 -15.28 14.37 14.94
N HIS A 331 -15.29 14.94 16.15
CA HIS A 331 -15.62 16.33 16.38
C HIS A 331 -14.75 17.34 15.67
N LYS A 332 -13.54 16.94 15.31
CA LYS A 332 -12.61 17.84 14.70
C LYS A 332 -12.75 17.93 13.22
N VAL A 333 -13.44 17.00 12.57
CA VAL A 333 -13.43 16.94 11.08
C VAL A 333 -14.60 17.70 10.47
N SER A 334 -14.45 18.06 9.21
CA SER A 334 -15.50 18.81 8.55
C SER A 334 -16.65 17.88 8.16
N PRO A 335 -17.85 18.43 8.03
CA PRO A 335 -18.93 17.60 7.44
C PRO A 335 -18.54 16.99 6.08
N SER A 336 -17.79 17.70 5.26
CA SER A 336 -17.36 17.13 3.97
C SER A 336 -16.42 15.89 4.11
N LEU A 337 -15.44 15.95 5.02
CA LEU A 337 -14.60 14.77 5.29
C LEU A 337 -15.45 13.61 5.83
N LYS A 338 -16.39 13.90 6.73
CA LYS A 338 -17.21 12.83 7.31
C LYS A 338 -18.11 12.17 6.23
N GLY A 339 -18.69 12.98 5.35
CA GLY A 339 -19.52 12.47 4.22
C GLY A 339 -18.71 11.59 3.28
N PHE A 340 -17.47 11.97 3.03
CA PHE A 340 -16.55 11.18 2.25
C PHE A 340 -16.27 9.84 2.93
N LEU A 341 -15.86 9.91 4.19
CA LEU A 341 -15.55 8.72 4.92
C LEU A 341 -16.73 7.73 5.00
N ASP A 342 -17.95 8.25 5.16
CA ASP A 342 -19.18 7.41 5.13
C ASP A 342 -19.42 6.62 3.83
N ARG A 343 -18.83 7.04 2.71
CA ARG A 343 -18.91 6.31 1.46
C ARG A 343 -17.83 5.17 1.33
N LEU A 344 -16.79 5.22 2.16
CA LEU A 344 -15.70 4.24 2.16
C LEU A 344 -15.99 3.15 3.14
N LEU A 345 -16.35 3.52 4.37
CA LEU A 345 -16.52 2.56 5.44
C LEU A 345 -17.99 2.06 5.49
N VAL A 346 -18.44 1.47 4.41
CA VAL A 346 -19.77 0.90 4.26
C VAL A 346 -19.59 -0.62 4.26
N ARG A 347 -20.32 -1.30 5.15
CA ARG A 347 -20.08 -2.70 5.40
C ARG A 347 -20.42 -3.56 4.17
N ASP A 348 -21.50 -3.23 3.52
CA ASP A 348 -21.94 -3.98 2.37
C ASP A 348 -21.12 -3.51 1.19
N PRO A 349 -20.32 -4.40 0.58
CA PRO A 349 -19.50 -3.92 -0.50
C PRO A 349 -20.23 -3.37 -1.73
N ALA A 350 -21.44 -3.84 -2.04
CA ALA A 350 -22.22 -3.26 -3.16
C ALA A 350 -22.73 -1.83 -2.90
N GLN A 351 -22.79 -1.40 -1.65
CA GLN A 351 -23.21 -0.04 -1.31
C GLN A 351 -22.03 0.94 -1.17
N ARG A 352 -20.82 0.41 -1.01
CA ARG A 352 -19.59 1.17 -0.86
C ARG A 352 -19.28 1.82 -2.19
N ALA A 353 -18.79 3.05 -2.19
CA ALA A 353 -18.44 3.70 -3.43
C ALA A 353 -17.21 3.06 -4.12
N THR A 354 -17.14 3.22 -5.44
CA THR A 354 -16.00 2.81 -6.23
C THR A 354 -14.97 3.93 -6.29
N ALA A 355 -13.73 3.59 -6.61
CA ALA A 355 -12.73 4.60 -6.87
C ALA A 355 -13.16 5.67 -7.90
N ALA A 356 -13.84 5.23 -8.97
CA ALA A 356 -14.28 6.15 -10.03
C ALA A 356 -15.28 7.17 -9.53
N GLU A 357 -16.25 6.70 -8.76
CA GLU A 357 -17.23 7.53 -8.12
C GLU A 357 -16.60 8.52 -7.15
N LEU A 358 -15.68 8.02 -6.33
CA LEU A 358 -15.08 8.84 -5.30
C LEU A 358 -14.27 10.00 -5.89
N LEU A 359 -13.68 9.82 -7.06
CA LEU A 359 -12.91 10.90 -7.64
C LEU A 359 -13.78 12.17 -7.89
N LYS A 360 -15.10 12.03 -7.87
CA LYS A 360 -16.01 13.14 -8.05
C LYS A 360 -16.58 13.67 -6.77
N HIS A 361 -16.16 13.13 -5.62
CA HIS A 361 -16.73 13.58 -4.35
C HIS A 361 -16.25 15.02 -4.05
N PRO A 362 -17.10 15.87 -3.45
CA PRO A 362 -16.69 17.28 -3.16
C PRO A 362 -15.53 17.41 -2.20
N PHE A 363 -15.46 16.55 -1.20
CA PHE A 363 -14.26 16.52 -0.34
C PHE A 363 -12.95 16.66 -1.08
N LEU A 364 -12.81 16.02 -2.24
CA LEU A 364 -11.54 16.09 -2.97
C LEU A 364 -11.26 17.44 -3.64
N ALA A 365 -12.24 18.32 -3.72
CA ALA A 365 -12.01 19.70 -4.11
C ALA A 365 -11.06 20.46 -3.19
N LYS A 366 -10.93 20.02 -1.93
CA LYS A 366 -10.00 20.66 -1.01
C LYS A 366 -8.55 20.25 -1.23
N ALA A 367 -8.27 19.32 -2.14
CA ALA A 367 -6.94 18.73 -2.21
C ALA A 367 -5.95 19.81 -2.57
N GLY A 368 -4.86 19.89 -1.82
CA GLY A 368 -3.79 20.79 -2.13
C GLY A 368 -2.85 20.16 -3.14
N PRO A 369 -1.93 20.95 -3.68
CA PRO A 369 -0.90 20.38 -4.52
C PRO A 369 0.17 19.67 -3.70
N PRO A 370 1.05 18.93 -4.38
CA PRO A 370 2.15 18.22 -3.72
C PRO A 370 2.95 19.11 -2.79
N ALA A 371 3.18 20.36 -3.21
CA ALA A 371 3.84 21.33 -2.33
C ALA A 371 3.26 21.37 -0.89
N SER A 372 1.94 21.24 -0.78
CA SER A 372 1.23 21.32 0.52
C SER A 372 1.57 20.19 1.48
N ILE A 373 2.02 19.07 0.91
CA ILE A 373 2.50 17.89 1.69
C ILE A 373 3.92 18.01 2.27
N VAL A 374 4.79 18.79 1.58
CA VAL A 374 6.20 18.89 1.89
C VAL A 374 6.53 19.18 3.33
N PRO A 375 5.81 20.16 3.97
CA PRO A 375 6.10 20.44 5.37
C PRO A 375 5.88 19.30 6.37
N LEU A 376 5.07 18.30 6.00
CA LEU A 376 4.82 17.17 6.89
C LEU A 376 6.04 16.25 7.08
N MET A 377 6.94 16.24 6.13
CA MET A 377 8.09 15.30 6.18
C MET A 377 9.13 15.52 7.28
N ARG A 378 9.69 14.42 7.78
CA ARG A 378 10.65 14.48 8.94
C ARG A 378 11.73 15.55 8.77
N GLN A 379 12.27 15.65 7.57
CA GLN A 379 13.39 16.53 7.26
C GLN A 379 13.00 18.02 7.28
N ASN A 380 11.70 18.32 7.21
CA ASN A 380 11.20 19.72 7.32
C ASN A 380 10.47 20.09 8.61
N ARG A 381 9.96 19.12 9.36
CA ARG A 381 9.07 19.41 10.52
C ARG A 381 9.70 20.35 11.55
N ARG B 21 -0.68 -3.89 18.62
CA ARG B 21 -0.41 -2.75 17.66
C ARG B 21 0.50 -3.14 16.46
N ALA B 22 0.31 -4.33 15.85
CA ALA B 22 1.25 -4.87 14.85
C ALA B 22 0.88 -4.37 13.47
N ARG B 23 1.86 -3.84 12.73
CA ARG B 23 1.59 -3.34 11.39
C ARG B 23 1.91 -4.42 10.34
N TYR B 24 2.34 -5.62 10.77
CA TYR B 24 2.71 -6.71 9.83
C TYR B 24 1.50 -7.40 9.19
N GLU B 25 1.71 -7.90 7.96
CA GLU B 25 0.64 -8.53 7.17
C GLU B 25 0.30 -9.94 7.70
N MET B 26 -0.59 -10.63 7.00
CA MET B 26 -1.04 -11.98 7.33
C MET B 26 -1.22 -12.77 6.04
N9 ANP C . 10.16 2.56 2.20
C8 ANP C . 9.55 1.46 1.69
N7 ANP C . 9.71 1.43 0.33
C5 ANP C . 10.43 2.52 -0.05
C6 ANP C . 10.96 3.09 -1.35
N6 ANP C . 10.76 2.51 -2.57
N1 ANP C . 11.66 4.26 -1.27
C2 ANP C . 11.88 4.87 -0.07
N3 ANP C . 11.42 4.42 1.13
C4 ANP C . 10.72 3.26 1.20
#